data_5IKD
#
_entry.id   5IKD
#
_cell.length_a   104.928
_cell.length_b   56.065
_cell.length_c   82.709
_cell.angle_alpha   90.000
_cell.angle_beta   97.030
_cell.angle_gamma   90.000
#
_symmetry.space_group_name_H-M   'C 1 2 1'
#
loop_
_entity.id
_entity.type
_entity.pdbx_description
1 polymer 'Dye-decolorizing peroxidase'
2 non-polymer 'PROTOPORPHYRIN IX CONTAINING FE'
3 water water
#
_entity_poly.entity_id   1
_entity_poly.type   'polypeptide(L)'
_entity_poly.pdbx_seq_one_letter_code
;SLNTIDIQGDILVGMHKQKQLFYFFAINDPATFKTHLASDIAPVVASVTQLSNVATQPLVALNIAFSNTGLLALGVTDNL
GDSLFANGQAKDATSFKESTSSWVPQFAGTGIHGVIILASDTTDLIDQQVASIESTFGSSISKLYSLSASIRPGNEAGHE
MFGFLDGIAQPAINGFNTPLPGQNIVDAGVIITGATNDPITRPSWAVGGSFLAFRQLEQLVPEFNKYLLDNAPAGSGSLQ
ARADLLGARMVGRWKSGAPIDLTPTADDPALGADAQRNNNFTYSHAGFDLGSDQSHCPFSAHIRKTRPRADLGGSLTPPN
LSAGANSIMRSGIPYGPEVTSAESASNTTTQERGLAGVAYQAQLSQGFHFLQQTWADNANFPPGKTPATVGLDPIIGQNN
GQPRVVNGLLPSNSSASLSIPQFVVSHGGEYFFSPPISAIGGRLSA
;
_entity_poly.pdbx_strand_id   A
#
loop_
_chem_comp.id
_chem_comp.type
_chem_comp.name
_chem_comp.formula
HEM non-polymer 'PROTOPORPHYRIN IX CONTAINING FE' 'C34 H32 Fe N4 O4'
#
# COMPACT_ATOMS: atom_id res chain seq x y z
N SER A 1 -0.23 -1.49 26.82
CA SER A 1 0.45 -0.65 25.84
C SER A 1 1.17 -1.51 24.78
N LEU A 2 1.93 -0.86 23.90
CA LEU A 2 2.34 -1.46 22.64
C LEU A 2 3.75 -2.05 22.78
N ASN A 3 3.86 -3.35 22.56
CA ASN A 3 5.09 -4.12 22.82
C ASN A 3 5.84 -4.26 21.49
N THR A 4 6.58 -3.22 21.14
CA THR A 4 7.22 -3.15 19.83
C THR A 4 8.36 -4.14 19.67
N ILE A 5 8.87 -4.71 20.77
CA ILE A 5 9.89 -5.74 20.62
C ILE A 5 9.30 -6.99 19.97
N ASP A 6 7.98 -7.16 20.05
CA ASP A 6 7.33 -8.37 19.56
C ASP A 6 6.60 -8.16 18.24
N ILE A 7 6.64 -6.96 17.66
CA ILE A 7 5.93 -6.64 16.42
C ILE A 7 6.94 -6.66 15.28
N GLN A 8 6.58 -7.32 14.18
CA GLN A 8 7.49 -7.36 13.04
C GLN A 8 7.66 -5.98 12.43
N GLY A 9 8.91 -5.67 12.07
CA GLY A 9 9.28 -4.30 11.76
C GLY A 9 8.62 -3.69 10.53
N ASP A 10 8.33 -4.50 9.51
CA ASP A 10 7.76 -3.91 8.30
C ASP A 10 6.38 -3.31 8.56
N ILE A 11 5.68 -3.77 9.60
CA ILE A 11 4.31 -3.33 9.87
C ILE A 11 4.29 -1.85 10.20
N LEU A 12 5.16 -1.41 11.11
CA LEU A 12 5.10 -0.05 11.60
C LEU A 12 6.25 0.83 11.15
N VAL A 13 7.38 0.26 10.71
CA VAL A 13 8.56 1.05 10.38
C VAL A 13 8.91 0.93 8.91
N GLY A 14 8.68 -0.23 8.30
CA GLY A 14 9.22 -0.54 6.99
C GLY A 14 10.66 -1.02 7.08
N MET A 15 11.10 -1.72 6.03
CA MET A 15 12.42 -2.35 6.07
C MET A 15 13.53 -1.35 5.79
N HIS A 16 13.21 -0.30 5.04
CA HIS A 16 14.14 0.75 4.61
C HIS A 16 15.51 0.22 4.20
N LYS A 17 15.45 -0.72 3.26
CA LYS A 17 16.59 -1.25 2.55
C LYS A 17 16.39 -0.99 1.07
N GLN A 18 17.50 -0.94 0.34
CA GLN A 18 17.43 -0.67 -1.09
C GLN A 18 16.70 -1.78 -1.84
N LYS A 19 16.87 -3.05 -1.43
CA LYS A 19 16.34 -4.20 -2.17
C LYS A 19 15.42 -5.01 -1.27
N GLN A 20 14.36 -5.54 -1.87
CA GLN A 20 13.50 -6.47 -1.17
C GLN A 20 13.17 -7.63 -2.10
N LEU A 21 12.94 -8.78 -1.51
CA LEU A 21 12.41 -9.95 -2.19
C LEU A 21 11.19 -10.42 -1.42
N PHE A 22 10.10 -10.66 -2.15
CA PHE A 22 8.90 -11.30 -1.62
C PHE A 22 8.96 -12.75 -2.10
N TYR A 23 9.17 -13.68 -1.17
CA TYR A 23 9.38 -15.11 -1.45
C TYR A 23 8.12 -15.85 -1.00
N PHE A 24 7.30 -16.28 -1.96
CA PHE A 24 6.02 -16.91 -1.67
C PHE A 24 6.20 -18.42 -1.68
N PHE A 25 5.83 -19.07 -0.59
CA PHE A 25 6.19 -20.47 -0.38
C PHE A 25 4.97 -21.33 -0.05
N ALA A 26 5.17 -22.64 -0.25
CA ALA A 26 4.34 -23.71 0.28
C ALA A 26 5.10 -24.45 1.38
N ILE A 27 4.33 -25.00 2.32
CA ILE A 27 4.83 -25.86 3.39
C ILE A 27 4.51 -27.30 2.98
N ASN A 28 5.54 -28.10 2.74
CA ASN A 28 5.33 -29.50 2.34
C ASN A 28 5.32 -30.48 3.50
N ASP A 29 6.09 -30.21 4.56
CA ASP A 29 6.23 -31.14 5.68
C ASP A 29 6.14 -30.29 6.94
N PRO A 30 4.98 -30.20 7.57
CA PRO A 30 4.86 -29.25 8.69
C PRO A 30 5.78 -29.57 9.85
N ALA A 31 6.08 -30.85 10.09
CA ALA A 31 6.94 -31.18 11.23
C ALA A 31 8.34 -30.62 11.05
N THR A 32 8.96 -30.88 9.88
CA THR A 32 10.28 -30.30 9.63
C THR A 32 10.20 -28.79 9.53
N PHE A 33 9.18 -28.26 8.84
CA PHE A 33 9.07 -26.81 8.69
C PHE A 33 9.03 -26.14 10.04
N LYS A 34 8.25 -26.68 10.99
CA LYS A 34 8.12 -26.05 12.30
C LYS A 34 9.46 -26.01 13.04
N THR A 35 10.21 -27.11 12.99
CA THR A 35 11.50 -27.14 13.65
C THR A 35 12.39 -26.01 13.16
N HIS A 36 12.42 -25.79 11.85
CA HIS A 36 13.28 -24.77 11.28
C HIS A 36 12.69 -23.38 11.36
N LEU A 37 11.36 -23.27 11.43
CA LEU A 37 10.75 -21.97 11.68
C LEU A 37 11.25 -21.44 13.03
N ALA A 38 11.29 -22.31 14.03
CA ALA A 38 11.73 -21.90 15.36
C ALA A 38 13.25 -21.67 15.40
N SER A 39 14.02 -22.53 14.75
CA SER A 39 15.47 -22.44 14.93
C SER A 39 16.15 -21.50 13.95
N ASP A 40 15.60 -21.36 12.74
CA ASP A 40 16.28 -20.65 11.67
C ASP A 40 15.63 -19.33 11.31
N ILE A 41 14.32 -19.19 11.47
CA ILE A 41 13.61 -17.97 11.10
C ILE A 41 13.40 -17.07 12.30
N ALA A 42 12.79 -17.60 13.36
CA ALA A 42 12.45 -16.76 14.50
C ALA A 42 13.60 -15.89 14.98
N PRO A 43 14.83 -16.40 15.14
CA PRO A 43 15.89 -15.56 15.70
C PRO A 43 16.31 -14.40 14.80
N VAL A 44 15.98 -14.42 13.51
CA VAL A 44 16.38 -13.37 12.59
C VAL A 44 15.19 -12.54 12.09
N VAL A 45 14.03 -12.65 12.72
CA VAL A 45 12.92 -11.80 12.35
C VAL A 45 13.15 -10.42 12.97
N ALA A 46 13.12 -9.39 12.14
CA ALA A 46 13.39 -8.02 12.60
C ALA A 46 12.14 -7.41 13.22
N SER A 47 12.31 -6.82 14.40
CA SER A 47 11.23 -6.19 15.14
C SER A 47 11.18 -4.69 14.86
N VAL A 48 10.07 -4.09 15.29
CA VAL A 48 9.91 -2.63 15.23
C VAL A 48 11.00 -1.95 16.05
N THR A 49 11.27 -2.46 17.26
CA THR A 49 12.31 -1.87 18.08
C THR A 49 13.64 -1.88 17.35
N GLN A 50 13.98 -3.02 16.75
CA GLN A 50 15.26 -3.15 16.07
C GLN A 50 15.36 -2.20 14.88
N LEU A 51 14.32 -2.13 14.05
CA LEU A 51 14.39 -1.28 12.87
C LEU A 51 14.22 0.21 13.17
N SER A 52 13.71 0.56 14.36
CA SER A 52 13.56 1.96 14.70
C SER A 52 14.87 2.61 15.12
N ASN A 53 15.92 1.82 15.34
CA ASN A 53 17.18 2.31 15.87
C ASN A 53 18.20 2.32 14.74
N VAL A 54 18.69 3.50 14.40
CA VAL A 54 19.59 3.64 13.26
C VAL A 54 20.80 2.73 13.38
N ALA A 55 21.20 2.37 14.61
CA ALA A 55 22.39 1.56 14.83
C ALA A 55 22.11 0.08 15.00
N THR A 56 20.86 -0.38 14.81
CA THR A 56 20.56 -1.80 14.91
C THR A 56 19.87 -2.34 13.65
N GLN A 57 20.10 -1.70 12.50
CA GLN A 57 19.57 -2.24 11.24
C GLN A 57 20.36 -3.50 10.90
N PRO A 58 19.71 -4.63 10.66
CA PRO A 58 20.43 -5.86 10.30
C PRO A 58 20.89 -5.83 8.86
N LEU A 59 21.90 -6.66 8.56
CA LEU A 59 22.36 -6.79 7.18
C LEU A 59 21.25 -7.31 6.27
N VAL A 60 20.48 -8.28 6.75
CA VAL A 60 19.28 -8.75 6.06
C VAL A 60 18.14 -8.63 7.04
N ALA A 61 17.18 -7.77 6.71
CA ALA A 61 15.97 -7.64 7.49
C ALA A 61 14.96 -8.66 6.97
N LEU A 62 14.35 -9.42 7.87
CA LEU A 62 13.48 -10.50 7.46
C LEU A 62 12.18 -10.42 8.26
N ASN A 63 11.05 -10.53 7.55
CA ASN A 63 9.74 -10.69 8.15
C ASN A 63 9.09 -11.90 7.48
N ILE A 64 8.06 -12.45 8.12
CA ILE A 64 7.37 -13.61 7.56
C ILE A 64 5.89 -13.49 7.90
N ALA A 65 5.04 -13.90 6.95
CA ALA A 65 3.60 -13.86 7.15
C ALA A 65 3.01 -15.12 6.53
N PHE A 66 1.85 -15.53 7.04
CA PHE A 66 1.23 -16.79 6.64
C PHE A 66 -0.17 -16.53 6.08
N SER A 67 -0.53 -17.27 5.04
CA SER A 67 -1.90 -17.23 4.55
C SER A 67 -2.78 -18.15 5.41
N ASN A 68 -4.09 -18.09 5.18
CA ASN A 68 -4.98 -19.00 5.90
C ASN A 68 -4.60 -20.46 5.67
N THR A 69 -4.33 -20.84 4.43
CA THR A 69 -3.97 -22.22 4.17
C THR A 69 -2.62 -22.57 4.78
N GLY A 70 -1.71 -21.60 4.90
CA GLY A 70 -0.47 -21.85 5.60
C GLY A 70 -0.66 -22.10 7.08
N LEU A 71 -1.53 -21.32 7.73
CA LEU A 71 -1.83 -21.58 9.13
C LEU A 71 -2.47 -22.95 9.30
N LEU A 72 -3.37 -23.33 8.41
CA LEU A 72 -3.95 -24.66 8.48
C LEU A 72 -2.88 -25.73 8.35
N ALA A 73 -1.95 -25.55 7.42
CA ALA A 73 -0.89 -26.52 7.23
C ALA A 73 -0.07 -26.71 8.49
N LEU A 74 0.08 -25.66 9.28
CA LEU A 74 0.79 -25.73 10.55
C LEU A 74 -0.09 -26.23 11.68
N GLY A 75 -1.32 -26.65 11.40
CA GLY A 75 -2.20 -27.15 12.44
C GLY A 75 -2.86 -26.09 13.26
N VAL A 76 -2.89 -24.85 12.78
CA VAL A 76 -3.50 -23.74 13.48
C VAL A 76 -4.89 -23.56 12.89
N THR A 77 -5.91 -24.06 13.61
CA THR A 77 -7.28 -24.00 13.15
C THR A 77 -8.06 -22.86 13.79
N ASP A 78 -7.39 -22.00 14.55
CA ASP A 78 -8.06 -20.92 15.26
C ASP A 78 -8.71 -19.94 14.28
N ASN A 79 -9.74 -19.28 14.77
CA ASN A 79 -10.38 -18.18 14.05
C ASN A 79 -9.62 -16.90 14.40
N LEU A 80 -8.91 -16.34 13.43
CA LEU A 80 -8.19 -15.10 13.69
C LEU A 80 -9.10 -13.89 13.66
N GLY A 81 -10.36 -14.05 13.30
CA GLY A 81 -11.34 -12.99 13.37
C GLY A 81 -11.52 -12.21 12.08
N ASP A 82 -10.99 -12.72 10.97
CA ASP A 82 -11.02 -11.99 9.70
C ASP A 82 -11.50 -12.91 8.57
N SER A 83 -12.75 -12.73 8.15
CA SER A 83 -13.30 -13.61 7.11
C SER A 83 -12.59 -13.42 5.78
N LEU A 84 -12.22 -12.18 5.44
CA LEU A 84 -11.52 -11.96 4.17
C LEU A 84 -10.20 -12.69 4.16
N PHE A 85 -9.44 -12.61 5.25
CA PHE A 85 -8.18 -13.35 5.33
C PHE A 85 -8.43 -14.85 5.18
N ALA A 86 -9.43 -15.37 5.88
CA ALA A 86 -9.67 -16.81 5.86
C ALA A 86 -9.99 -17.30 4.46
N ASN A 87 -10.70 -16.49 3.67
CA ASN A 87 -11.13 -16.93 2.35
C ASN A 87 -10.07 -16.72 1.28
N GLY A 88 -9.12 -15.83 1.50
CA GLY A 88 -8.05 -15.58 0.55
C GLY A 88 -8.41 -14.51 -0.48
N GLN A 89 -7.38 -13.87 -1.03
CA GLN A 89 -7.62 -12.74 -1.91
C GLN A 89 -8.25 -13.15 -3.24
N ALA A 90 -7.93 -14.34 -3.76
CA ALA A 90 -8.52 -14.76 -5.03
C ALA A 90 -10.04 -14.72 -4.99
N LYS A 91 -10.63 -15.20 -3.88
CA LYS A 91 -12.07 -15.18 -3.73
C LYS A 91 -12.62 -13.76 -3.58
N ASP A 92 -11.79 -12.82 -3.20
CA ASP A 92 -12.18 -11.43 -3.03
C ASP A 92 -12.02 -10.61 -4.32
N ALA A 93 -11.45 -11.19 -5.38
CA ALA A 93 -11.09 -10.38 -6.56
C ALA A 93 -12.30 -9.66 -7.14
N THR A 94 -13.45 -10.32 -7.20
CA THR A 94 -14.61 -9.68 -7.81
C THR A 94 -15.07 -8.46 -7.02
N SER A 95 -14.73 -8.38 -5.73
CA SER A 95 -15.05 -7.20 -4.95
C SER A 95 -14.37 -5.96 -5.51
N PHE A 96 -13.26 -6.14 -6.24
CA PHE A 96 -12.49 -5.04 -6.79
C PHE A 96 -12.71 -4.88 -8.28
N LYS A 97 -13.68 -5.57 -8.82
CA LYS A 97 -13.98 -5.47 -10.25
C LYS A 97 -12.74 -5.80 -11.10
N GLU A 98 -12.11 -6.92 -10.73
CA GLU A 98 -11.05 -7.53 -11.53
C GLU A 98 -11.33 -9.03 -11.54
N SER A 99 -10.57 -9.74 -12.36
CA SER A 99 -10.72 -11.19 -12.50
C SER A 99 -9.41 -11.88 -12.21
N THR A 100 -9.48 -13.01 -11.49
CA THR A 100 -8.27 -13.78 -11.29
C THR A 100 -7.71 -14.38 -12.57
N SER A 101 -8.49 -14.39 -13.66
CA SER A 101 -7.97 -14.86 -14.93
C SER A 101 -6.81 -14.00 -15.43
N SER A 102 -6.65 -12.78 -14.91
CA SER A 102 -5.54 -11.91 -15.28
C SER A 102 -4.34 -12.03 -14.34
N TRP A 103 -4.47 -12.77 -13.25
CA TRP A 103 -3.46 -12.79 -12.21
C TRP A 103 -2.28 -13.69 -12.55
N VAL A 104 -1.15 -13.42 -11.88
CA VAL A 104 -0.08 -14.41 -11.73
C VAL A 104 -0.74 -15.73 -11.34
N PRO A 105 -0.55 -16.82 -12.08
CA PRO A 105 -1.31 -18.05 -11.77
C PRO A 105 -1.15 -18.53 -10.34
N GLN A 106 0.03 -18.35 -9.75
CA GLN A 106 0.24 -18.83 -8.39
C GLN A 106 -0.64 -18.12 -7.38
N PHE A 107 -1.05 -16.86 -7.65
CA PHE A 107 -1.94 -16.15 -6.74
C PHE A 107 -3.41 -16.56 -6.92
N ALA A 108 -3.76 -17.14 -8.08
CA ALA A 108 -5.16 -17.47 -8.40
C ALA A 108 -5.49 -18.84 -7.83
N GLY A 109 -5.55 -18.89 -6.50
CA GLY A 109 -5.75 -20.13 -5.78
C GLY A 109 -5.35 -19.89 -4.33
N THR A 110 -5.17 -21.00 -3.60
CA THR A 110 -4.74 -20.92 -2.19
C THR A 110 -3.57 -21.85 -1.91
N GLY A 111 -2.75 -22.15 -2.93
CA GLY A 111 -1.55 -22.94 -2.72
C GLY A 111 -0.45 -22.22 -1.99
N ILE A 112 -0.43 -20.89 -2.03
CA ILE A 112 0.59 -20.14 -1.30
C ILE A 112 0.26 -20.18 0.18
N HIS A 113 1.23 -20.62 0.98
CA HIS A 113 1.09 -20.74 2.44
C HIS A 113 1.69 -19.56 3.19
N GLY A 114 2.55 -18.78 2.56
CA GLY A 114 3.12 -17.64 3.25
C GLY A 114 4.04 -16.87 2.33
N VAL A 115 4.58 -15.80 2.91
CA VAL A 115 5.58 -14.97 2.25
C VAL A 115 6.69 -14.66 3.25
N ILE A 116 7.92 -14.78 2.80
CA ILE A 116 9.07 -14.24 3.52
C ILE A 116 9.46 -12.95 2.81
N ILE A 117 9.54 -11.87 3.58
CA ILE A 117 10.03 -10.59 3.07
C ILE A 117 11.48 -10.47 3.51
N LEU A 118 12.39 -10.45 2.54
CA LEU A 118 13.81 -10.27 2.77
C LEU A 118 14.21 -8.92 2.22
N ALA A 119 15.01 -8.18 2.97
CA ALA A 119 15.39 -6.84 2.57
C ALA A 119 16.86 -6.62 2.93
N SER A 120 17.61 -6.04 2.01
CA SER A 120 19.02 -5.81 2.21
C SER A 120 19.46 -4.73 1.25
N ASP A 121 20.64 -4.17 1.49
CA ASP A 121 21.08 -3.15 0.56
C ASP A 121 21.62 -3.74 -0.75
N THR A 122 21.86 -5.06 -0.82
CA THR A 122 22.25 -5.72 -2.06
C THR A 122 21.49 -7.03 -2.23
N THR A 123 21.26 -7.42 -3.48
CA THR A 123 20.55 -8.66 -3.74
C THR A 123 21.40 -9.88 -3.39
N ASP A 124 22.73 -9.75 -3.44
CA ASP A 124 23.59 -10.88 -3.09
C ASP A 124 23.34 -11.37 -1.66
N LEU A 125 23.13 -10.45 -0.72
CA LEU A 125 22.88 -10.85 0.66
C LEU A 125 21.51 -11.51 0.79
N ILE A 126 20.52 -11.01 0.04
CA ILE A 126 19.22 -11.67 0.02
C ILE A 126 19.37 -13.09 -0.50
N ASP A 127 20.06 -13.25 -1.62
CA ASP A 127 20.20 -14.58 -2.23
C ASP A 127 20.89 -15.55 -1.28
N GLN A 128 21.86 -15.06 -0.51
CA GLN A 128 22.54 -15.92 0.45
C GLN A 128 21.59 -16.37 1.55
N GLN A 129 20.73 -15.48 2.04
CA GLN A 129 19.74 -15.86 3.04
C GLN A 129 18.75 -16.87 2.49
N VAL A 130 18.27 -16.66 1.25
CA VAL A 130 17.39 -17.63 0.63
C VAL A 130 18.06 -18.99 0.53
N ALA A 131 19.32 -19.01 0.07
CA ALA A 131 20.03 -20.28 -0.05
C ALA A 131 20.14 -20.98 1.29
N SER A 132 20.38 -20.22 2.35
CA SER A 132 20.47 -20.82 3.68
C SER A 132 19.12 -21.42 4.09
N ILE A 133 18.04 -20.69 3.86
CA ILE A 133 16.69 -21.18 4.20
C ILE A 133 16.40 -22.47 3.44
N GLU A 134 16.67 -22.48 2.14
CA GLU A 134 16.38 -23.67 1.36
C GLU A 134 17.24 -24.85 1.80
N SER A 135 18.47 -24.57 2.23
CA SER A 135 19.37 -25.61 2.73
C SER A 135 18.87 -26.20 4.04
N THR A 136 18.53 -25.35 5.02
CA THR A 136 18.20 -25.89 6.32
C THR A 136 16.80 -26.49 6.36
N PHE A 137 15.84 -25.91 5.64
CA PHE A 137 14.49 -26.45 5.58
C PHE A 137 14.38 -27.64 4.65
N GLY A 138 15.28 -27.79 3.69
CA GLY A 138 15.11 -28.78 2.65
C GLY A 138 13.77 -28.60 1.96
N SER A 139 13.19 -29.71 1.51
CA SER A 139 11.93 -29.65 0.76
C SER A 139 10.74 -29.28 1.64
N SER A 140 10.92 -29.11 2.94
CA SER A 140 9.77 -28.77 3.78
C SER A 140 9.22 -27.39 3.43
N ILE A 141 10.05 -26.53 2.83
CA ILE A 141 9.63 -25.26 2.24
C ILE A 141 9.85 -25.36 0.74
N SER A 142 8.96 -24.73 -0.02
CA SER A 142 9.07 -24.74 -1.47
C SER A 142 8.65 -23.38 -2.02
N LYS A 143 9.50 -22.81 -2.84
CA LYS A 143 9.19 -21.54 -3.50
C LYS A 143 8.16 -21.77 -4.60
N LEU A 144 7.05 -21.06 -4.52
CA LEU A 144 6.05 -21.08 -5.57
C LEU A 144 6.15 -19.88 -6.52
N TYR A 145 6.58 -18.73 -6.02
CA TYR A 145 6.63 -17.50 -6.79
C TYR A 145 7.49 -16.54 -6.00
N SER A 146 8.13 -15.60 -6.70
CA SER A 146 8.79 -14.52 -5.98
C SER A 146 8.76 -13.25 -6.82
N LEU A 147 8.93 -12.12 -6.14
CA LEU A 147 8.98 -10.80 -6.79
C LEU A 147 10.09 -9.99 -6.15
N SER A 148 11.04 -9.56 -6.97
CA SER A 148 12.10 -8.67 -6.54
C SER A 148 11.67 -7.21 -6.68
N ALA A 149 12.09 -6.38 -5.72
CA ALA A 149 11.71 -4.98 -5.69
C ALA A 149 12.90 -4.15 -5.26
N SER A 150 12.84 -2.84 -5.53
CA SER A 150 13.94 -1.96 -5.20
C SER A 150 13.46 -0.52 -5.05
N ILE A 151 14.10 0.21 -4.12
CA ILE A 151 13.96 1.66 -4.11
C ILE A 151 14.49 2.18 -5.45
N ARG A 152 13.81 3.18 -6.01
CA ARG A 152 14.24 3.73 -7.29
C ARG A 152 15.54 4.54 -7.15
N PRO A 153 16.27 4.72 -8.23
CA PRO A 153 17.62 5.30 -8.14
C PRO A 153 17.64 6.81 -8.05
N GLY A 154 18.73 7.29 -7.43
CA GLY A 154 19.04 8.71 -7.50
C GLY A 154 17.99 9.58 -6.85
N ASN A 155 17.65 10.67 -7.54
CA ASN A 155 16.66 11.61 -7.02
C ASN A 155 15.24 11.09 -7.13
N GLU A 156 15.04 9.88 -7.65
CA GLU A 156 13.75 9.23 -7.60
C GLU A 156 13.62 8.26 -6.43
N ALA A 157 14.62 8.20 -5.56
CA ALA A 157 14.52 7.33 -4.39
C ALA A 157 13.34 7.74 -3.53
N GLY A 158 12.50 6.78 -3.21
CA GLY A 158 11.31 7.04 -2.45
C GLY A 158 10.11 7.41 -3.30
N HIS A 159 10.29 7.60 -4.60
CA HIS A 159 9.20 7.83 -5.53
C HIS A 159 8.74 6.50 -6.11
N GLU A 160 7.46 6.44 -6.45
CA GLU A 160 6.94 5.29 -7.14
C GLU A 160 7.22 5.45 -8.64
N MET A 161 6.86 4.44 -9.44
CA MET A 161 7.26 4.41 -10.84
C MET A 161 6.67 5.54 -11.69
N PHE A 162 5.51 6.08 -11.33
CA PHE A 162 5.01 7.24 -12.07
C PHE A 162 5.78 8.52 -11.75
N GLY A 163 6.65 8.49 -10.73
CA GLY A 163 7.47 9.64 -10.42
C GLY A 163 7.09 10.43 -9.18
N PHE A 164 6.05 10.02 -8.45
CA PHE A 164 5.55 10.76 -7.31
C PHE A 164 6.21 10.29 -6.03
N LEU A 165 6.62 11.24 -5.19
CA LEU A 165 7.13 10.90 -3.87
C LEU A 165 6.07 10.11 -3.12
N ASP A 166 6.47 8.99 -2.54
CA ASP A 166 5.56 8.09 -1.86
C ASP A 166 6.02 7.92 -0.42
N GLY A 167 5.15 7.33 0.41
CA GLY A 167 5.48 7.11 1.80
C GLY A 167 5.37 8.34 2.67
N ILE A 168 4.69 9.39 2.21
CA ILE A 168 4.54 10.61 2.98
C ILE A 168 3.54 10.40 4.10
N ALA A 169 2.37 9.86 3.78
CA ALA A 169 1.22 9.90 4.67
C ALA A 169 0.95 8.52 5.25
N GLN A 170 0.95 8.42 6.57
CA GLN A 170 0.63 7.20 7.29
C GLN A 170 -0.17 7.61 8.50
N PRO A 171 -1.01 6.73 9.04
CA PRO A 171 -1.63 7.02 10.33
C PRO A 171 -0.58 7.07 11.42
N ALA A 172 -0.77 7.97 12.39
CA ALA A 172 0.02 7.99 13.60
C ALA A 172 -0.71 7.14 14.63
N ILE A 173 0.02 6.25 15.28
CA ILE A 173 -0.56 5.42 16.33
C ILE A 173 -0.42 6.18 17.65
N ASN A 174 -1.55 6.42 18.29
CA ASN A 174 -1.60 7.12 19.55
C ASN A 174 -0.75 6.40 20.58
N GLY A 175 0.19 7.13 21.19
CA GLY A 175 1.07 6.55 22.18
C GLY A 175 2.36 5.99 21.62
N PHE A 176 2.49 5.88 20.30
CA PHE A 176 3.70 5.35 19.67
C PHE A 176 4.37 6.38 18.78
N ASN A 177 3.65 6.95 17.83
CA ASN A 177 4.19 7.97 16.96
C ASN A 177 3.96 9.35 17.56
N THR A 178 4.88 10.27 17.31
CA THR A 178 4.65 11.67 17.61
C THR A 178 3.98 12.27 16.38
N PRO A 179 2.70 12.66 16.45
CA PRO A 179 1.98 13.05 15.24
C PRO A 179 2.58 14.26 14.53
N LEU A 180 2.54 14.22 13.21
CA LEU A 180 2.92 15.32 12.36
C LEU A 180 1.69 16.18 12.06
N PRO A 181 1.87 17.45 11.71
CA PRO A 181 0.72 18.31 11.39
C PRO A 181 -0.14 17.72 10.28
N GLY A 182 -1.43 17.57 10.58
CA GLY A 182 -2.39 17.04 9.63
C GLY A 182 -2.53 15.52 9.64
N GLN A 183 -1.60 14.81 10.26
CA GLN A 183 -1.62 13.37 10.29
C GLN A 183 -2.81 12.85 11.11
N ASN A 184 -3.47 11.81 10.63
CA ASN A 184 -4.50 11.20 11.45
C ASN A 184 -3.85 10.48 12.63
N ILE A 185 -4.60 10.40 13.72
CA ILE A 185 -4.14 9.79 14.97
C ILE A 185 -5.13 8.69 15.29
N VAL A 186 -4.65 7.46 15.42
CA VAL A 186 -5.54 6.31 15.56
C VAL A 186 -5.07 5.43 16.72
N ASP A 187 -6.01 4.64 17.22
CA ASP A 187 -5.68 3.63 18.21
C ASP A 187 -4.83 2.54 17.58
N ALA A 188 -3.93 1.96 18.38
CA ALA A 188 -3.04 0.94 17.85
C ALA A 188 -3.78 -0.24 17.26
N GLY A 189 -4.95 -0.57 17.82
CA GLY A 189 -5.72 -1.71 17.36
C GLY A 189 -6.33 -1.55 15.98
N VAL A 190 -6.23 -0.38 15.37
CA VAL A 190 -6.58 -0.27 13.95
C VAL A 190 -5.58 -1.01 13.08
N ILE A 191 -4.31 -1.09 13.51
CA ILE A 191 -3.26 -1.70 12.73
C ILE A 191 -2.82 -3.03 13.32
N ILE A 192 -2.75 -3.13 14.64
CA ILE A 192 -2.15 -4.28 15.32
C ILE A 192 -3.26 -5.10 15.99
N THR A 193 -3.33 -6.38 15.64
CA THR A 193 -4.38 -7.24 16.18
C THR A 193 -4.22 -7.40 17.68
N GLY A 194 -5.30 -7.18 18.42
CA GLY A 194 -5.30 -7.30 19.86
C GLY A 194 -4.71 -6.11 20.59
N ALA A 195 -4.32 -5.05 19.88
CA ALA A 195 -3.83 -3.85 20.53
C ALA A 195 -5.01 -2.95 20.92
N THR A 196 -4.70 -1.79 21.48
CA THR A 196 -5.72 -0.94 22.10
C THR A 196 -6.87 -0.66 21.15
N ASN A 197 -8.08 -0.97 21.61
CA ASN A 197 -9.33 -0.70 20.91
C ASN A 197 -9.49 -1.47 19.59
N ASP A 198 -8.77 -2.57 19.41
CA ASP A 198 -9.16 -3.54 18.38
C ASP A 198 -10.43 -4.21 18.87
N PRO A 199 -11.58 -4.01 18.21
CA PRO A 199 -12.84 -4.58 18.74
C PRO A 199 -12.99 -6.07 18.54
N ILE A 200 -12.13 -6.69 17.73
CA ILE A 200 -12.27 -8.10 17.39
C ILE A 200 -11.42 -8.92 18.35
N THR A 201 -12.04 -9.87 19.04
CA THR A 201 -11.29 -10.77 19.89
C THR A 201 -10.42 -11.68 19.02
N ARG A 202 -9.19 -11.90 19.46
CA ARG A 202 -8.19 -12.64 18.71
C ARG A 202 -7.69 -13.80 19.55
N PRO A 203 -7.14 -14.83 18.92
CA PRO A 203 -6.40 -15.83 19.71
C PRO A 203 -5.24 -15.15 20.43
N SER A 204 -4.97 -15.61 21.66
CA SER A 204 -3.97 -14.95 22.48
C SER A 204 -2.62 -14.86 21.79
N TRP A 205 -2.21 -15.92 21.08
CA TRP A 205 -0.89 -15.93 20.45
C TRP A 205 -0.78 -14.94 19.30
N ALA A 206 -1.90 -14.45 18.78
CA ALA A 206 -1.95 -13.56 17.63
C ALA A 206 -1.91 -12.08 18.01
N VAL A 207 -1.89 -11.75 19.31
CA VAL A 207 -1.84 -10.36 19.73
C VAL A 207 -0.47 -9.79 19.38
N GLY A 208 -0.46 -8.68 18.64
CA GLY A 208 0.78 -8.08 18.17
C GLY A 208 1.06 -8.28 16.70
N GLY A 209 0.17 -8.94 15.97
CA GLY A 209 0.31 -9.14 14.54
C GLY A 209 -0.45 -8.12 13.72
N SER A 210 -0.50 -8.37 12.42
CA SER A 210 -1.27 -7.52 11.53
C SER A 210 -1.56 -8.30 10.26
N PHE A 211 -2.64 -7.95 9.57
CA PHE A 211 -2.92 -8.55 8.27
C PHE A 211 -2.23 -7.75 7.18
N LEU A 212 -1.55 -8.48 6.29
CA LEU A 212 -0.76 -7.96 5.18
C LEU A 212 -1.54 -8.24 3.89
N ALA A 213 -1.97 -7.19 3.22
CA ALA A 213 -2.55 -7.29 1.89
C ALA A 213 -1.44 -7.00 0.89
N PHE A 214 -1.09 -8.02 0.09
CA PHE A 214 -0.05 -7.91 -0.94
C PHE A 214 -0.75 -7.78 -2.28
N ARG A 215 -0.31 -6.82 -3.10
CA ARG A 215 -0.86 -6.59 -4.43
C ARG A 215 0.28 -6.33 -5.41
N GLN A 216 0.36 -7.10 -6.49
CA GLN A 216 1.35 -6.85 -7.55
C GLN A 216 0.67 -5.97 -8.57
N LEU A 217 0.96 -4.66 -8.56
CA LEU A 217 0.25 -3.66 -9.35
C LEU A 217 1.19 -3.11 -10.43
N GLU A 218 0.97 -3.56 -11.66
CA GLU A 218 1.77 -3.08 -12.77
C GLU A 218 1.37 -1.65 -13.13
N GLN A 219 2.36 -0.83 -13.43
CA GLN A 219 2.15 0.57 -13.81
C GLN A 219 2.57 0.78 -15.24
N LEU A 220 1.71 1.41 -16.03
CA LEU A 220 1.97 1.67 -17.46
C LEU A 220 2.48 3.10 -17.57
N VAL A 221 3.79 3.27 -17.36
CA VAL A 221 4.36 4.59 -17.15
C VAL A 221 4.40 5.41 -18.45
N PRO A 222 4.96 4.88 -19.56
CA PRO A 222 4.92 5.69 -20.80
C PRO A 222 3.51 6.09 -21.21
N GLU A 223 2.57 5.18 -21.02
CA GLU A 223 1.19 5.47 -21.40
C GLU A 223 0.59 6.57 -20.52
N PHE A 224 0.85 6.52 -19.22
CA PHE A 224 0.42 7.56 -18.29
C PHE A 224 0.99 8.91 -18.71
N ASN A 225 2.29 8.97 -18.99
CA ASN A 225 2.91 10.23 -19.37
C ASN A 225 2.29 10.80 -20.63
N LYS A 226 2.04 9.95 -21.61
CA LYS A 226 1.47 10.42 -22.87
C LYS A 226 0.04 10.88 -22.67
N TYR A 227 -0.73 10.20 -21.81
CA TYR A 227 -2.09 10.61 -21.53
C TYR A 227 -2.12 12.03 -20.95
N LEU A 228 -1.21 12.33 -20.03
CA LEU A 228 -1.18 13.66 -19.44
C LEU A 228 -0.89 14.74 -20.48
N LEU A 229 0.05 14.48 -21.38
CA LEU A 229 0.34 15.45 -22.44
C LEU A 229 -0.86 15.61 -23.36
N ASP A 230 -1.50 14.50 -23.74
CA ASP A 230 -2.61 14.54 -24.67
C ASP A 230 -3.86 15.22 -24.10
N ASN A 231 -3.99 15.26 -22.77
CA ASN A 231 -5.19 15.79 -22.12
C ASN A 231 -4.89 16.99 -21.24
N ALA A 232 -3.71 17.57 -21.38
CA ALA A 232 -3.31 18.66 -20.50
C ALA A 232 -4.28 19.82 -20.65
N PRO A 233 -4.70 20.44 -19.55
CA PRO A 233 -5.60 21.60 -19.65
C PRO A 233 -4.90 22.78 -20.30
N ALA A 234 -5.68 23.58 -21.02
CA ALA A 234 -5.15 24.79 -21.61
C ALA A 234 -4.69 25.75 -20.52
N GLY A 235 -3.71 26.57 -20.87
CA GLY A 235 -3.13 27.52 -19.94
C GLY A 235 -1.90 28.14 -20.58
N SER A 236 -1.29 29.06 -19.84
CA SER A 236 -0.21 29.83 -20.43
C SER A 236 1.14 29.11 -20.36
N GLY A 237 1.32 28.23 -19.37
CA GLY A 237 2.59 27.53 -19.21
C GLY A 237 2.95 26.56 -20.33
N SER A 238 4.11 25.92 -20.23
CA SER A 238 4.52 24.93 -21.22
C SER A 238 3.55 23.76 -21.21
N LEU A 239 3.52 23.02 -22.31
CA LEU A 239 2.65 21.85 -22.38
C LEU A 239 2.98 20.87 -21.27
N GLN A 240 4.27 20.65 -21.01
CA GLN A 240 4.64 19.70 -19.97
C GLN A 240 4.21 20.18 -18.59
N ALA A 241 4.33 21.49 -18.32
CA ALA A 241 3.85 22.02 -17.04
C ALA A 241 2.36 21.77 -16.85
N ARG A 242 1.59 21.92 -17.92
CA ARG A 242 0.15 21.71 -17.82
C ARG A 242 -0.17 20.23 -17.69
N ALA A 243 0.62 19.38 -18.36
CA ALA A 243 0.47 17.94 -18.17
C ALA A 243 0.80 17.56 -16.73
N ASP A 244 1.84 18.16 -16.16
CA ASP A 244 2.20 17.87 -14.78
C ASP A 244 1.06 18.26 -13.84
N LEU A 245 0.41 19.39 -14.10
CA LEU A 245 -0.75 19.79 -13.30
C LEU A 245 -1.84 18.72 -13.34
N LEU A 246 -2.13 18.18 -14.53
CA LEU A 246 -3.15 17.15 -14.61
C LEU A 246 -2.76 15.92 -13.79
N GLY A 247 -1.50 15.49 -13.87
CA GLY A 247 -1.05 14.38 -13.05
C GLY A 247 -1.22 14.65 -11.58
N ALA A 248 -0.87 15.86 -11.14
CA ALA A 248 -1.03 16.21 -9.72
C ALA A 248 -2.50 16.23 -9.31
N ARG A 249 -3.38 16.66 -10.20
CA ARG A 249 -4.82 16.61 -9.92
C ARG A 249 -5.31 15.17 -9.74
N MET A 250 -4.73 14.23 -10.49
CA MET A 250 -5.13 12.83 -10.37
C MET A 250 -4.66 12.22 -9.05
N VAL A 251 -3.43 12.53 -8.63
CA VAL A 251 -2.87 11.93 -7.42
C VAL A 251 -3.37 12.64 -6.18
N GLY A 252 -3.43 13.98 -6.24
CA GLY A 252 -3.65 14.81 -5.07
C GLY A 252 -2.37 15.45 -4.54
N ARG A 253 -1.23 15.10 -5.11
CA ARG A 253 0.03 15.73 -4.79
C ARG A 253 0.81 15.90 -6.09
N TRP A 254 1.64 16.94 -6.12
CA TRP A 254 2.69 17.04 -7.11
C TRP A 254 3.74 15.95 -6.89
N LYS A 255 4.57 15.69 -7.91
CA LYS A 255 5.60 14.66 -7.79
C LYS A 255 6.56 14.93 -6.63
N SER A 256 6.76 16.20 -6.28
CA SER A 256 7.61 16.58 -5.15
C SER A 256 7.02 16.16 -3.81
N GLY A 257 5.75 15.80 -3.76
CA GLY A 257 5.05 15.57 -2.51
C GLY A 257 4.18 16.73 -2.06
N ALA A 258 4.29 17.89 -2.68
CA ALA A 258 3.47 19.01 -2.25
C ALA A 258 2.00 18.70 -2.48
N PRO A 259 1.13 18.86 -1.49
CA PRO A 259 -0.28 18.53 -1.69
C PRO A 259 -0.96 19.63 -2.48
N ILE A 260 -1.74 19.23 -3.49
CA ILE A 260 -2.40 20.22 -4.32
C ILE A 260 -3.39 21.03 -3.51
N ASP A 261 -3.94 20.46 -2.44
CA ASP A 261 -4.90 21.18 -1.61
C ASP A 261 -4.30 22.48 -1.08
N LEU A 262 -2.97 22.51 -0.86
CA LEU A 262 -2.28 23.68 -0.36
C LEU A 262 -1.59 24.48 -1.44
N THR A 263 -1.36 23.92 -2.61
CA THR A 263 -0.75 24.65 -3.72
C THR A 263 -1.39 24.17 -5.03
N PRO A 264 -2.56 24.72 -5.38
CA PRO A 264 -3.40 24.07 -6.40
C PRO A 264 -3.00 24.33 -7.84
N THR A 265 -2.17 25.33 -8.13
CA THR A 265 -1.89 25.71 -9.51
C THR A 265 -0.46 25.48 -9.93
N ALA A 266 0.47 25.32 -8.99
CA ALA A 266 1.87 25.08 -9.32
C ALA A 266 2.51 24.29 -8.17
N ASP A 267 3.58 23.58 -8.51
CA ASP A 267 4.32 22.83 -7.51
C ASP A 267 4.99 23.80 -6.52
N ASP A 268 5.25 23.28 -5.32
CA ASP A 268 6.08 23.96 -4.32
C ASP A 268 7.03 22.90 -3.77
N PRO A 269 8.19 22.72 -4.40
CA PRO A 269 9.08 21.61 -3.97
C PRO A 269 9.58 21.75 -2.54
N ALA A 270 9.70 22.96 -2.02
CA ALA A 270 10.10 23.11 -0.62
C ALA A 270 9.02 22.57 0.31
N LEU A 271 7.76 22.84 -0.01
CA LEU A 271 6.66 22.30 0.77
C LEU A 271 6.64 20.77 0.69
N GLY A 272 6.85 20.22 -0.50
CA GLY A 272 6.79 18.77 -0.64
C GLY A 272 7.79 18.05 0.22
N ALA A 273 8.97 18.64 0.39
CA ALA A 273 10.05 18.04 1.15
C ALA A 273 9.88 18.18 2.67
N ASP A 274 8.93 18.98 3.16
CA ASP A 274 8.83 19.33 4.58
C ASP A 274 7.72 18.53 5.23
N ALA A 275 8.08 17.51 5.99
CA ALA A 275 7.11 16.67 6.67
C ALA A 275 6.28 17.43 7.71
N GLN A 276 6.75 18.58 8.17
CA GLN A 276 5.95 19.37 9.10
C GLN A 276 4.86 20.18 8.42
N ARG A 277 4.87 20.27 7.08
CA ARG A 277 3.89 21.07 6.36
C ARG A 277 3.13 20.30 5.28
N ASN A 278 3.72 19.25 4.72
CA ASN A 278 3.18 18.62 3.52
C ASN A 278 1.96 17.76 3.77
N ASN A 279 1.51 17.62 5.01
CA ASN A 279 0.30 16.86 5.29
C ASN A 279 -0.73 17.68 6.05
N ASN A 280 -0.52 18.99 6.15
CA ASN A 280 -1.27 19.85 7.06
C ASN A 280 -2.49 20.46 6.35
N PHE A 281 -3.44 19.59 5.99
CA PHE A 281 -4.63 20.00 5.26
C PHE A 281 -5.77 19.04 5.54
N THR A 282 -7.00 19.48 5.27
CA THR A 282 -8.20 18.69 5.52
C THR A 282 -9.14 18.59 4.32
N TYR A 283 -8.87 19.32 3.24
CA TYR A 283 -9.71 19.55 2.07
C TYR A 283 -10.73 20.67 2.26
N SER A 284 -10.92 21.17 3.48
CA SER A 284 -11.82 22.30 3.72
C SER A 284 -11.09 23.62 3.50
N HIS A 285 -11.81 24.60 2.97
CA HIS A 285 -11.31 25.96 2.77
C HIS A 285 -12.43 26.91 3.10
N ALA A 286 -12.21 27.77 4.10
CA ALA A 286 -13.23 28.74 4.47
C ALA A 286 -13.56 29.64 3.29
N GLY A 287 -14.85 29.90 3.10
CA GLY A 287 -15.32 30.62 1.94
C GLY A 287 -15.63 29.76 0.73
N PHE A 288 -15.44 28.45 0.81
CA PHE A 288 -15.77 27.52 -0.26
C PHE A 288 -16.68 26.44 0.27
N ASP A 289 -17.63 26.01 -0.57
CA ASP A 289 -18.54 24.92 -0.23
C ASP A 289 -17.83 23.58 -0.43
N LEU A 290 -17.65 22.83 0.67
CA LEU A 290 -16.92 21.56 0.59
C LEU A 290 -17.60 20.60 -0.39
N GLY A 291 -18.91 20.68 -0.55
CA GLY A 291 -19.65 19.78 -1.41
C GLY A 291 -19.50 20.03 -2.89
N SER A 292 -19.04 21.22 -3.29
CA SER A 292 -18.93 21.53 -4.71
C SER A 292 -17.56 22.03 -5.16
N ASP A 293 -16.68 22.44 -4.25
CA ASP A 293 -15.43 23.08 -4.64
C ASP A 293 -14.38 22.02 -4.98
N GLN A 294 -14.00 21.95 -6.26
CA GLN A 294 -12.91 21.10 -6.71
C GLN A 294 -11.72 21.92 -7.20
N SER A 295 -11.68 23.22 -6.89
CA SER A 295 -10.61 24.06 -7.39
C SER A 295 -9.29 23.80 -6.68
N HIS A 296 -9.33 23.33 -5.43
CA HIS A 296 -8.12 23.00 -4.71
C HIS A 296 -7.69 21.56 -4.95
N CYS A 297 -8.62 20.61 -4.92
CA CYS A 297 -8.31 19.23 -5.16
C CYS A 297 -9.58 18.55 -5.68
N PRO A 298 -9.51 17.79 -6.77
CA PRO A 298 -10.70 17.04 -7.22
C PRO A 298 -11.18 16.06 -6.15
N PHE A 299 -12.50 15.84 -6.14
CA PHE A 299 -13.08 14.83 -5.24
C PHE A 299 -12.60 13.43 -5.60
N SER A 300 -12.14 13.22 -6.82
CA SER A 300 -11.68 11.94 -7.32
C SER A 300 -10.18 11.70 -7.14
N ALA A 301 -9.42 12.68 -6.66
CA ALA A 301 -7.98 12.51 -6.53
C ALA A 301 -7.68 11.29 -5.65
N HIS A 302 -6.61 10.57 -5.99
CA HIS A 302 -6.27 9.32 -5.31
C HIS A 302 -6.22 9.48 -3.79
N ILE A 303 -5.47 10.46 -3.29
CA ILE A 303 -5.33 10.54 -1.83
C ILE A 303 -6.63 10.96 -1.17
N ARG A 304 -7.49 11.69 -1.88
CA ARG A 304 -8.77 12.10 -1.32
C ARG A 304 -9.75 10.93 -1.28
N LYS A 305 -9.64 10.03 -2.25
CA LYS A 305 -10.42 8.79 -2.24
C LYS A 305 -9.98 7.86 -1.11
N THR A 306 -8.69 7.81 -0.78
CA THR A 306 -8.19 6.82 0.15
C THR A 306 -8.04 7.34 1.58
N ARG A 307 -7.93 8.65 1.80
CA ARG A 307 -8.11 9.27 3.12
C ARG A 307 -8.97 10.51 2.91
N PRO A 308 -10.29 10.36 3.06
CA PRO A 308 -11.22 11.46 2.72
C PRO A 308 -11.13 12.69 3.61
N ARG A 309 -10.56 12.59 4.81
CA ARG A 309 -10.44 13.76 5.72
C ARG A 309 -11.80 14.41 5.90
N ALA A 310 -11.94 15.71 5.66
CA ALA A 310 -13.18 16.40 5.97
C ALA A 310 -14.36 15.94 5.11
N ASP A 311 -14.13 15.21 4.03
CA ASP A 311 -15.26 14.69 3.26
C ASP A 311 -16.10 13.74 4.08
N LEU A 312 -15.55 13.17 5.15
CA LEU A 312 -16.29 12.30 6.06
C LEU A 312 -16.51 12.95 7.42
N GLY A 313 -16.53 14.27 7.47
CA GLY A 313 -16.81 14.98 8.70
C GLY A 313 -15.56 15.24 9.51
N GLY A 314 -15.78 15.60 10.75
CA GLY A 314 -14.69 15.93 11.63
C GLY A 314 -14.20 17.35 11.45
N SER A 315 -13.02 17.60 12.01
CA SER A 315 -12.50 18.96 12.08
C SER A 315 -12.17 19.51 10.69
N LEU A 316 -12.61 20.75 10.45
CA LEU A 316 -12.28 21.43 9.21
C LEU A 316 -10.89 22.03 9.24
N THR A 317 -10.33 22.22 10.42
CA THR A 317 -8.96 22.66 10.58
C THR A 317 -8.08 21.49 10.98
N PRO A 318 -6.80 21.47 10.59
CA PRO A 318 -6.00 20.28 10.91
C PRO A 318 -5.73 20.12 12.40
N PRO A 319 -5.61 18.87 12.87
CA PRO A 319 -5.72 17.63 12.10
C PRO A 319 -7.16 17.20 11.99
N ASN A 320 -7.59 16.80 10.80
CA ASN A 320 -8.84 16.07 10.68
C ASN A 320 -8.61 14.63 11.15
N LEU A 321 -9.56 14.09 11.91
CA LEU A 321 -9.41 12.76 12.49
C LEU A 321 -10.48 11.79 12.01
N SER A 322 -11.15 12.08 10.90
CA SER A 322 -12.22 11.23 10.42
C SER A 322 -11.68 9.87 10.00
N ALA A 323 -12.56 8.87 10.11
CA ALA A 323 -12.35 7.55 9.51
C ALA A 323 -11.03 6.91 9.93
N GLY A 324 -10.69 7.08 11.20
CA GLY A 324 -9.48 6.48 11.73
C GLY A 324 -9.47 4.97 11.58
N ALA A 325 -10.63 4.33 11.71
CA ALA A 325 -10.69 2.87 11.59
C ALA A 325 -10.44 2.37 10.18
N ASN A 326 -10.50 3.25 9.18
CA ASN A 326 -10.19 2.90 7.81
C ASN A 326 -8.76 3.24 7.41
N SER A 327 -7.87 3.37 8.39
CA SER A 327 -6.47 3.65 8.09
C SER A 327 -5.70 2.38 7.76
N ILE A 328 -4.66 2.54 6.92
CA ILE A 328 -3.75 1.46 6.60
C ILE A 328 -2.33 1.97 6.74
N MET A 329 -1.42 1.07 7.12
CA MET A 329 0.01 1.35 7.05
C MET A 329 0.55 0.78 5.75
N ARG A 330 1.24 1.60 4.97
CA ARG A 330 1.74 1.18 3.67
C ARG A 330 3.24 0.96 3.69
N SER A 331 3.67 -0.17 3.16
CA SER A 331 5.10 -0.51 3.02
C SER A 331 5.41 -1.01 1.61
N GLY A 332 4.76 -0.43 0.61
CA GLY A 332 4.99 -0.84 -0.75
C GLY A 332 6.33 -0.37 -1.28
N ILE A 333 6.83 -1.08 -2.28
CA ILE A 333 8.13 -0.79 -2.88
C ILE A 333 8.03 -1.03 -4.37
N PRO A 334 8.66 -0.20 -5.20
CA PRO A 334 8.54 -0.42 -6.64
C PRO A 334 9.24 -1.70 -7.08
N TYR A 335 8.78 -2.25 -8.21
CA TYR A 335 9.40 -3.41 -8.83
C TYR A 335 9.58 -3.18 -10.33
N GLY A 336 10.48 -3.98 -10.91
CA GLY A 336 10.74 -3.98 -12.32
C GLY A 336 11.82 -3.01 -12.70
N PRO A 337 12.21 -3.04 -13.97
CA PRO A 337 13.24 -2.12 -14.46
C PRO A 337 12.71 -0.70 -14.61
N GLU A 338 13.64 0.25 -14.59
CA GLU A 338 13.32 1.62 -14.96
C GLU A 338 12.86 1.67 -16.41
N VAL A 339 12.09 2.71 -16.74
CA VAL A 339 11.62 2.89 -18.12
C VAL A 339 12.84 3.10 -19.02
N THR A 340 12.90 2.36 -20.12
CA THR A 340 13.99 2.48 -21.07
C THR A 340 13.72 3.62 -22.06
N SER A 341 14.79 4.06 -22.71
CA SER A 341 14.66 5.14 -23.69
C SER A 341 13.66 4.78 -24.78
N ALA A 342 13.69 3.53 -25.26
CA ALA A 342 12.82 3.15 -26.36
C ALA A 342 11.35 3.12 -25.93
N GLU A 343 11.09 2.64 -24.71
CA GLU A 343 9.72 2.65 -24.20
C GLU A 343 9.20 4.08 -24.09
N SER A 344 10.02 4.98 -23.58
CA SER A 344 9.59 6.37 -23.48
C SER A 344 9.33 6.96 -24.86
N ALA A 345 10.24 6.71 -25.82
CA ALA A 345 10.12 7.33 -27.13
C ALA A 345 8.90 6.80 -27.89
N SER A 346 8.52 5.54 -27.66
CA SER A 346 7.38 4.92 -28.33
C SER A 346 6.09 5.08 -27.53
N ASN A 347 6.16 5.64 -26.34
CA ASN A 347 5.00 5.79 -25.46
C ASN A 347 4.39 4.44 -25.11
N THR A 348 5.19 3.39 -25.12
CA THR A 348 4.70 2.02 -25.00
C THR A 348 5.49 1.22 -23.99
N THR A 349 4.79 0.58 -23.05
CA THR A 349 5.42 -0.35 -22.12
C THR A 349 5.79 -1.64 -22.83
N THR A 350 7.01 -2.11 -22.61
CA THR A 350 7.43 -3.40 -23.12
C THR A 350 8.03 -4.32 -22.06
N GLN A 351 8.12 -3.86 -20.82
CA GLN A 351 8.60 -4.64 -19.68
C GLN A 351 7.71 -4.34 -18.50
N GLU A 352 7.54 -5.32 -17.60
CA GLU A 352 6.64 -5.12 -16.48
C GLU A 352 7.35 -4.40 -15.34
N ARG A 353 6.72 -3.36 -14.84
CA ARG A 353 7.20 -2.58 -13.70
C ARG A 353 5.97 -2.11 -12.94
N GLY A 354 6.16 -1.73 -11.68
CA GLY A 354 5.02 -1.26 -10.92
C GLY A 354 5.33 -1.14 -9.46
N LEU A 355 4.29 -1.38 -8.66
CA LEU A 355 4.37 -1.29 -7.21
C LEU A 355 4.09 -2.65 -6.61
N ALA A 356 4.99 -3.12 -5.75
CA ALA A 356 4.71 -4.28 -4.88
C ALA A 356 3.98 -3.68 -3.69
N GLY A 357 2.66 -3.68 -3.77
CA GLY A 357 1.84 -3.03 -2.77
C GLY A 357 1.75 -3.87 -1.51
N VAL A 358 1.96 -3.21 -0.36
CA VAL A 358 1.92 -3.88 0.94
C VAL A 358 1.12 -2.96 1.86
N ALA A 359 -0.03 -3.40 2.31
CA ALA A 359 -0.88 -2.66 3.23
C ALA A 359 -1.10 -3.48 4.48
N TYR A 360 -0.92 -2.87 5.64
CA TYR A 360 -1.13 -3.52 6.93
C TYR A 360 -2.32 -2.89 7.65
N GLN A 361 -3.11 -3.74 8.30
CA GLN A 361 -4.29 -3.32 9.04
C GLN A 361 -4.72 -4.49 9.91
N ALA A 362 -5.48 -4.18 10.97
CA ALA A 362 -6.01 -5.23 11.84
C ALA A 362 -7.30 -5.83 11.30
N GLN A 363 -8.02 -5.14 10.42
CA GLN A 363 -9.25 -5.66 9.82
C GLN A 363 -9.21 -5.39 8.33
N LEU A 364 -9.08 -6.44 7.53
CA LEU A 364 -9.08 -6.27 6.08
C LEU A 364 -10.36 -5.60 5.59
N SER A 365 -11.49 -5.85 6.25
CA SER A 365 -12.75 -5.29 5.77
C SER A 365 -12.84 -3.79 5.97
N GLN A 366 -12.01 -3.22 6.85
CA GLN A 366 -11.98 -1.79 7.13
C GLN A 366 -10.84 -1.08 6.45
N GLY A 367 -9.81 -1.79 6.03
CA GLY A 367 -8.61 -1.22 5.45
C GLY A 367 -8.60 -1.42 3.96
N PHE A 368 -7.60 -2.15 3.45
CA PHE A 368 -7.39 -2.28 2.01
C PHE A 368 -8.67 -2.57 1.25
N HIS A 369 -9.42 -3.59 1.67
CA HIS A 369 -10.60 -4.00 0.90
C HIS A 369 -11.64 -2.88 0.82
N PHE A 370 -11.83 -2.17 1.94
CA PHE A 370 -12.79 -1.08 2.00
C PHE A 370 -12.36 0.08 1.11
N LEU A 371 -11.09 0.47 1.22
CA LEU A 371 -10.60 1.59 0.43
C LEU A 371 -10.75 1.31 -1.06
N GLN A 372 -10.44 0.08 -1.47
CA GLN A 372 -10.51 -0.24 -2.89
C GLN A 372 -11.97 -0.30 -3.36
N GLN A 373 -12.82 -1.05 -2.64
CA GLN A 373 -14.18 -1.32 -3.13
C GLN A 373 -15.15 -0.18 -2.85
N THR A 374 -15.19 0.31 -1.62
CA THR A 374 -16.23 1.25 -1.21
C THR A 374 -15.88 2.70 -1.53
N TRP A 375 -14.59 3.03 -1.65
CA TRP A 375 -14.16 4.39 -1.92
C TRP A 375 -13.62 4.55 -3.34
N ALA A 376 -12.47 3.93 -3.66
CA ALA A 376 -11.81 4.17 -4.94
C ALA A 376 -12.66 3.72 -6.13
N ASP A 377 -13.34 2.58 -6.00
CA ASP A 377 -14.12 2.00 -7.09
C ASP A 377 -15.57 2.50 -7.12
N ASN A 378 -15.94 3.43 -6.25
CA ASN A 378 -17.32 3.87 -6.09
C ASN A 378 -17.46 5.25 -6.72
N ALA A 379 -18.19 5.33 -7.82
CA ALA A 379 -18.34 6.59 -8.55
C ALA A 379 -19.12 7.62 -7.75
N ASN A 380 -19.83 7.20 -6.70
CA ASN A 380 -20.59 8.11 -5.86
C ASN A 380 -19.93 8.36 -4.52
N PHE A 381 -18.62 8.14 -4.43
CA PHE A 381 -17.86 8.44 -3.23
C PHE A 381 -16.79 9.49 -3.57
N PRO A 382 -16.57 10.50 -2.72
CA PRO A 382 -17.24 10.79 -1.45
C PRO A 382 -18.71 11.17 -1.63
N PRO A 383 -19.49 11.01 -0.57
CA PRO A 383 -20.92 11.33 -0.64
C PRO A 383 -21.15 12.84 -0.60
N GLY A 384 -22.36 13.22 -0.98
CA GLY A 384 -22.84 14.57 -0.78
C GLY A 384 -22.26 15.63 -1.68
N LYS A 385 -21.68 15.24 -2.81
CA LYS A 385 -21.04 16.21 -3.69
C LYS A 385 -21.98 16.67 -4.81
N THR A 386 -21.61 17.78 -5.44
CA THR A 386 -22.30 18.30 -6.62
C THR A 386 -21.27 18.68 -7.69
N PRO A 387 -21.28 18.02 -8.86
CA PRO A 387 -22.12 16.87 -9.22
C PRO A 387 -21.88 15.65 -8.32
N ALA A 388 -22.95 14.89 -8.06
CA ALA A 388 -22.88 13.75 -7.14
C ALA A 388 -21.96 12.65 -7.66
N THR A 389 -21.87 12.49 -8.97
CA THR A 389 -21.00 11.49 -9.58
C THR A 389 -19.58 12.03 -9.59
N VAL A 390 -18.81 11.58 -8.61
CA VAL A 390 -17.39 11.91 -8.51
C VAL A 390 -16.59 11.18 -9.58
N GLY A 391 -16.97 9.94 -9.88
CA GLY A 391 -16.17 9.08 -10.71
C GLY A 391 -15.22 8.23 -9.88
N LEU A 392 -14.38 7.52 -10.61
CA LEU A 392 -13.46 6.57 -10.00
C LEU A 392 -12.10 7.21 -9.73
N ASP A 393 -11.37 6.62 -8.79
CA ASP A 393 -9.99 7.00 -8.52
C ASP A 393 -9.17 6.80 -9.80
N PRO A 394 -8.53 7.83 -10.34
CA PRO A 394 -7.85 7.66 -11.63
C PRO A 394 -6.59 6.81 -11.54
N ILE A 395 -6.03 6.64 -10.35
CA ILE A 395 -4.83 5.82 -10.17
C ILE A 395 -5.19 4.34 -9.99
N ILE A 396 -6.05 4.03 -9.02
CA ILE A 396 -6.35 2.64 -8.66
C ILE A 396 -7.78 2.20 -8.94
N GLY A 397 -8.66 3.10 -9.37
CA GLY A 397 -10.07 2.74 -9.55
C GLY A 397 -10.26 1.75 -10.68
N GLN A 398 -11.11 0.75 -10.45
CA GLN A 398 -11.30 -0.36 -11.37
C GLN A 398 -12.77 -0.55 -11.71
N ASN A 399 -13.02 -1.00 -12.93
CA ASN A 399 -14.37 -1.33 -13.38
C ASN A 399 -14.27 -2.43 -14.44
N ASN A 400 -13.70 -3.57 -14.06
CA ASN A 400 -13.68 -4.75 -14.92
C ASN A 400 -13.06 -4.47 -16.28
N GLY A 401 -11.95 -3.72 -16.27
CA GLY A 401 -11.19 -3.44 -17.47
C GLY A 401 -11.69 -2.29 -18.29
N GLN A 402 -12.86 -1.76 -17.99
CA GLN A 402 -13.40 -0.65 -18.75
C GLN A 402 -12.55 0.61 -18.51
N PRO A 403 -12.52 1.55 -19.45
CA PRO A 403 -12.01 2.88 -19.12
C PRO A 403 -12.82 3.44 -17.96
N ARG A 404 -12.17 4.19 -17.10
CA ARG A 404 -12.80 4.74 -15.92
C ARG A 404 -13.29 6.16 -16.19
N VAL A 405 -14.51 6.44 -15.81
CA VAL A 405 -15.03 7.81 -15.88
C VAL A 405 -14.61 8.51 -14.60
N VAL A 406 -13.92 9.63 -14.75
CA VAL A 406 -13.34 10.37 -13.63
C VAL A 406 -13.71 11.83 -13.83
N ASN A 407 -14.39 12.42 -12.85
CA ASN A 407 -14.88 13.78 -12.97
C ASN A 407 -14.12 14.73 -12.05
N GLY A 408 -14.17 16.01 -12.40
CA GLY A 408 -13.61 17.06 -11.58
C GLY A 408 -12.12 17.33 -11.77
N LEU A 409 -11.43 16.61 -12.66
CA LEU A 409 -9.98 16.78 -12.75
C LEU A 409 -9.58 18.12 -13.36
N LEU A 410 -10.41 18.70 -14.22
CA LEU A 410 -10.03 19.90 -14.97
C LEU A 410 -10.37 21.15 -14.16
N PRO A 411 -9.40 21.97 -13.78
CA PRO A 411 -9.71 23.11 -12.88
C PRO A 411 -10.71 24.08 -13.45
N SER A 412 -10.77 24.26 -14.77
CA SER A 412 -11.63 25.29 -15.35
C SER A 412 -13.09 24.89 -15.37
N ASN A 413 -13.43 23.62 -15.13
CA ASN A 413 -14.82 23.19 -15.21
C ASN A 413 -14.95 21.88 -14.45
N SER A 414 -15.47 21.95 -13.24
CA SER A 414 -15.56 20.78 -12.39
C SER A 414 -16.55 19.75 -12.90
N SER A 415 -17.40 20.11 -13.86
CA SER A 415 -18.34 19.17 -14.45
C SER A 415 -17.73 18.40 -15.62
N ALA A 416 -16.54 18.77 -16.08
CA ALA A 416 -15.92 18.10 -17.20
C ALA A 416 -15.48 16.69 -16.79
N SER A 417 -15.77 15.73 -17.66
CA SER A 417 -15.53 14.33 -17.41
C SER A 417 -14.43 13.83 -18.35
N LEU A 418 -13.59 12.92 -17.84
CA LEU A 418 -12.60 12.23 -18.66
C LEU A 418 -12.85 10.73 -18.54
N SER A 419 -12.62 10.02 -19.65
CA SER A 419 -12.67 8.56 -19.68
C SER A 419 -11.23 8.09 -19.80
N ILE A 420 -10.73 7.45 -18.76
CA ILE A 420 -9.30 7.25 -18.58
C ILE A 420 -9.01 5.75 -18.63
N PRO A 421 -8.12 5.28 -19.51
CA PRO A 421 -7.74 3.86 -19.46
C PRO A 421 -7.04 3.56 -18.14
N GLN A 422 -7.01 2.28 -17.78
CA GLN A 422 -6.24 1.89 -16.61
C GLN A 422 -4.77 2.18 -16.86
N PHE A 423 -4.14 2.81 -15.89
CA PHE A 423 -2.69 2.90 -15.88
C PHE A 423 -2.06 1.97 -14.86
N VAL A 424 -2.87 1.37 -13.99
CA VAL A 424 -2.43 0.39 -13.03
C VAL A 424 -3.20 -0.87 -13.31
N VAL A 425 -2.48 -1.98 -13.47
CA VAL A 425 -3.07 -3.26 -13.84
C VAL A 425 -2.75 -4.28 -12.75
N SER A 426 -3.78 -4.81 -12.10
CA SER A 426 -3.56 -5.80 -11.06
C SER A 426 -3.11 -7.13 -11.65
N HIS A 427 -2.04 -7.69 -11.10
CA HIS A 427 -1.65 -9.08 -11.31
C HIS A 427 -1.95 -9.96 -10.11
N GLY A 428 -2.75 -9.45 -9.18
CA GLY A 428 -3.21 -10.26 -8.06
C GLY A 428 -2.32 -10.14 -6.85
N GLY A 429 -2.58 -11.02 -5.90
CA GLY A 429 -1.87 -11.02 -4.64
C GLY A 429 -2.54 -11.96 -3.66
N GLU A 430 -2.24 -11.75 -2.38
CA GLU A 430 -2.79 -12.61 -1.35
C GLU A 430 -2.86 -11.82 -0.05
N TYR A 431 -3.71 -12.34 0.85
CA TYR A 431 -3.87 -11.85 2.21
C TYR A 431 -3.10 -12.76 3.15
N PHE A 432 -2.27 -12.17 4.01
CA PHE A 432 -1.46 -12.91 4.96
C PHE A 432 -1.67 -12.33 6.35
N PHE A 433 -1.23 -13.09 7.35
CA PHE A 433 -1.15 -12.63 8.73
C PHE A 433 0.32 -12.62 9.13
N SER A 434 0.82 -11.44 9.48
CA SER A 434 2.17 -11.28 10.00
C SER A 434 2.10 -11.48 11.51
N PRO A 435 2.53 -12.61 12.06
CA PRO A 435 2.30 -12.85 13.50
C PRO A 435 3.23 -12.03 14.36
N PRO A 436 2.91 -11.89 15.64
CA PRO A 436 3.91 -11.39 16.58
C PRO A 436 5.10 -12.34 16.58
N ILE A 437 6.27 -11.79 16.90
CA ILE A 437 7.48 -12.57 16.81
C ILE A 437 7.43 -13.77 17.76
N SER A 438 6.84 -13.58 18.93
CA SER A 438 6.71 -14.66 19.92
C SER A 438 5.93 -15.85 19.36
N ALA A 439 5.01 -15.63 18.43
CA ALA A 439 4.23 -16.75 17.89
C ALA A 439 5.03 -17.57 16.89
N ILE A 440 6.10 -17.02 16.34
CA ILE A 440 6.85 -17.70 15.30
C ILE A 440 7.55 -18.92 15.85
N GLY A 441 8.35 -18.75 16.90
CA GLY A 441 8.93 -19.87 17.61
C GLY A 441 8.04 -20.46 18.67
N GLY A 442 6.90 -19.84 18.93
CA GLY A 442 5.91 -20.33 19.87
C GLY A 442 4.82 -21.13 19.19
N ARG A 443 3.59 -20.62 19.19
CA ARG A 443 2.44 -21.40 18.71
C ARG A 443 2.68 -21.99 17.33
N LEU A 444 3.22 -21.20 16.40
CA LEU A 444 3.32 -21.66 15.02
C LEU A 444 4.32 -22.79 14.84
N SER A 445 5.28 -22.93 15.75
CA SER A 445 6.26 -24.02 15.70
C SER A 445 5.89 -25.19 16.60
N ALA A 446 4.73 -25.13 17.26
CA ALA A 446 4.34 -26.16 18.23
C ALA A 446 3.62 -27.33 17.55
CHA HEM B . -1.03 7.74 -1.09
CHB HEM B . 0.57 6.13 -5.36
CHC HEM B . -1.89 1.98 -4.68
CHD HEM B . -3.82 3.76 -0.61
C1A HEM B . -0.34 7.65 -2.27
C2A HEM B . 0.52 8.66 -2.84
C3A HEM B . 0.96 8.22 -4.01
C4A HEM B . 0.38 6.91 -4.24
CMA HEM B . 1.92 8.92 -4.99
CAA HEM B . 0.86 10.03 -2.20
CBA HEM B . 2.05 9.93 -1.27
CGA HEM B . 1.63 9.75 0.17
O1A HEM B . 0.64 10.40 0.58
O2A HEM B . 2.31 9.01 0.91
C1B HEM B . 0.00 4.86 -5.53
C2B HEM B . 0.22 4.04 -6.70
C3B HEM B . -0.44 2.91 -6.50
C4B HEM B . -1.11 2.97 -5.23
CMB HEM B . 1.06 4.48 -7.92
CAB HEM B . -0.55 1.71 -7.44
CBB HEM B . 0.39 1.35 -8.33
C1C HEM B . -2.69 2.15 -3.57
C2C HEM B . -3.71 1.21 -3.12
C3C HEM B . -4.25 1.71 -2.01
C4C HEM B . -3.59 2.97 -1.71
CMC HEM B . -4.06 -0.10 -3.86
CAC HEM B . -5.38 1.16 -1.13
CBC HEM B . -6.37 0.40 -1.60
C1D HEM B . -3.16 4.98 -0.34
C2D HEM B . -3.30 5.75 0.86
C3D HEM B . -2.53 6.86 0.74
C4D HEM B . -1.88 6.79 -0.56
CMD HEM B . -4.17 5.37 2.09
CAD HEM B . -2.37 7.97 1.79
CBD HEM B . -3.59 8.91 1.79
CGD HEM B . -3.53 9.94 2.90
O1D HEM B . -3.69 11.15 2.60
O2D HEM B . -3.28 9.54 4.07
NA HEM B . -0.40 6.61 -3.15
NB HEM B . -0.82 4.19 -4.62
NC HEM B . -2.66 3.21 -2.70
ND HEM B . -2.28 5.62 -1.18
FE HEM B . -1.75 5.04 -3.05
HHB HEM B . 0.91 6.57 -6.16
HHC HEM B . -2.04 1.19 -5.23
HHD HEM B . -4.36 3.39 0.11
HMA HEM B . 2.07 8.35 -5.76
HMAA HEM B . 2.76 9.09 -4.53
HMAB HEM B . 1.52 9.77 -5.28
HAA HEM B . 0.09 10.34 -1.70
HAAA HEM B . 1.05 10.67 -2.90
HBA HEM B . 2.57 10.75 -1.34
HBAA HEM B . 2.61 9.18 -1.54
HMB HEM B . 0.66 5.28 -8.31
HMBA HEM B . 1.06 3.77 -8.59
HMBB HEM B . 1.96 4.67 -7.64
HAB HEM B . -1.34 1.17 -7.40
HBB HEM B . 0.25 0.57 -8.89
HBBA HEM B . 1.21 1.85 -8.40
HMC HEM B . -4.77 -0.56 -3.37
HMCA HEM B . -3.28 -0.68 -3.90
HMCB HEM B . -4.36 0.10 -4.76
HAC HEM B . -5.39 1.38 -0.20
HBC HEM B . -7.06 0.08 -1.00
HBCA HEM B . -6.39 0.15 -2.55
HMD HEM B . -4.09 6.07 2.77
HMDA HEM B . -3.85 4.51 2.45
HMDB HEM B . -5.10 5.28 1.81
HAD HEM B . -1.56 8.49 1.59
HADA HEM B . -2.27 7.57 2.67
HBD HEM B . -4.39 8.37 1.90
HBDA HEM B . -3.64 9.36 0.95
HHA HEM B . -0.90 8.55 -0.56
#